data_9BSM
#
_entry.id   9BSM
#
_cell.length_a   45.380
_cell.length_b   66.392
_cell.length_c   48.295
_cell.angle_alpha   90.00
_cell.angle_beta   116.97
_cell.angle_gamma   90.00
#
_symmetry.space_group_name_H-M   'P 1 21 1'
#
loop_
_entity.id
_entity.type
_entity.pdbx_description
1 polymer 'Exfoliative toxin A'
2 water water
#
_entity_poly.entity_id   1
_entity_poly.type   'polypeptide(L)'
_entity_poly.pdbx_seq_one_letter_code
;MNNSKIISKVLLSLSLFTVGASAFVIQDELMQKKHAKAEVSAEEIKKHEEKWNKYYGVNAFNLPKELFSKVDEKDRQKYP
YNTIGNVFVKGQTSATGVLIGKNTVLTNRHIAKFANGDPSKVSFRPSINTDDNGNTETPYGEYEVKEILQEPFGAGVDLA
LIRLKPDQNGVSLGDKISPAKIGTSNDLKDGDKLELIGYPFEHKVNQMHRSEIELTTLSRGLRYYGFTVPGNSGSGIFNS
NGELVGIHSSKVSHLDREHQINYGVGIGNYVKRIINEKNE
;
_entity_poly.pdbx_strand_id   A
#
# COMPACT_ATOMS: atom_id res chain seq x y z
N GLU A 44 -18.46 -15.83 18.37
CA GLU A 44 -18.05 -14.98 17.25
C GLU A 44 -16.54 -15.07 16.99
N ILE A 45 -15.80 -15.65 17.94
CA ILE A 45 -14.46 -16.11 17.60
C ILE A 45 -14.53 -17.19 16.54
N LYS A 46 -15.53 -18.08 16.64
CA LYS A 46 -15.72 -19.11 15.63
C LYS A 46 -16.20 -18.50 14.31
N LYS A 47 -17.04 -17.48 14.38
CA LYS A 47 -17.40 -16.76 13.15
C LYS A 47 -16.14 -16.14 12.52
N HIS A 48 -15.33 -15.47 13.33
CA HIS A 48 -14.15 -14.83 12.78
C HIS A 48 -13.17 -15.86 12.22
N GLU A 49 -12.97 -16.97 12.94
CA GLU A 49 -12.08 -18.02 12.45
C GLU A 49 -12.52 -18.52 11.08
N GLU A 50 -13.83 -18.77 10.93
CA GLU A 50 -14.35 -19.21 9.65
C GLU A 50 -14.05 -18.18 8.57
N LYS A 51 -14.28 -16.90 8.86
CA LYS A 51 -14.13 -15.86 7.85
C LYS A 51 -12.65 -15.65 7.51
N TRP A 52 -11.81 -15.52 8.53
CA TRP A 52 -10.37 -15.41 8.30
C TRP A 52 -9.90 -16.59 7.46
N ASN A 53 -10.37 -17.79 7.77
CA ASN A 53 -9.92 -19.00 7.10
C ASN A 53 -10.28 -19.04 5.63
N LYS A 54 -11.16 -18.15 5.17
CA LYS A 54 -11.44 -18.07 3.74
C LYS A 54 -10.25 -17.52 2.97
N TYR A 55 -9.44 -16.70 3.61
CA TYR A 55 -8.30 -16.07 2.97
C TYR A 55 -7.00 -16.79 3.24
N TYR A 56 -6.94 -17.57 4.33
CA TYR A 56 -5.71 -18.17 4.81
C TYR A 56 -5.81 -19.68 5.00
N GLY A 57 -7.00 -20.26 4.92
CA GLY A 57 -7.16 -21.70 5.03
C GLY A 57 -6.73 -22.49 3.82
N VAL A 58 -6.44 -21.81 2.71
CA VAL A 58 -5.91 -22.45 1.51
C VAL A 58 -4.64 -21.71 1.10
N ASN A 59 -3.84 -22.39 0.27
CA ASN A 59 -2.65 -21.78 -0.30
C ASN A 59 -3.05 -20.60 -1.17
N ALA A 60 -2.24 -19.54 -1.15
CA ALA A 60 -2.65 -18.31 -1.79
C ALA A 60 -2.83 -18.46 -3.31
N PHE A 61 -2.10 -19.36 -3.95
CA PHE A 61 -2.30 -19.58 -5.37
C PHE A 61 -3.67 -20.17 -5.66
N ASN A 62 -4.32 -20.75 -4.66
CA ASN A 62 -5.64 -21.35 -4.82
C ASN A 62 -6.78 -20.45 -4.41
N LEU A 63 -6.46 -19.24 -3.92
CA LEU A 63 -7.52 -18.30 -3.56
C LEU A 63 -8.34 -17.94 -4.80
N PRO A 64 -9.64 -17.71 -4.63
CA PRO A 64 -10.45 -17.29 -5.78
C PRO A 64 -10.04 -15.91 -6.26
N LYS A 65 -10.17 -15.72 -7.58
CA LYS A 65 -9.64 -14.50 -8.21
C LYS A 65 -10.33 -13.24 -7.70
N GLU A 66 -11.60 -13.33 -7.30
CA GLU A 66 -12.25 -12.11 -6.79
C GLU A 66 -11.68 -11.66 -5.45
N LEU A 67 -10.99 -12.55 -4.71
CA LEU A 67 -10.40 -12.17 -3.44
C LEU A 67 -8.95 -11.70 -3.60
N PHE A 68 -8.24 -12.25 -4.58
CA PHE A 68 -6.81 -12.00 -4.74
C PHE A 68 -6.44 -12.32 -6.17
N SER A 69 -5.85 -11.37 -6.89
CA SER A 69 -5.47 -11.63 -8.27
C SER A 69 -4.34 -10.71 -8.70
N LYS A 70 -3.54 -11.23 -9.62
CA LYS A 70 -2.49 -10.44 -10.25
C LYS A 70 -3.11 -9.37 -11.14
N VAL A 71 -2.55 -8.16 -11.06
CA VAL A 71 -2.96 -7.07 -11.94
C VAL A 71 -2.26 -7.27 -13.29
N ASP A 72 -3.04 -7.40 -14.36
CA ASP A 72 -2.44 -7.69 -15.65
C ASP A 72 -1.86 -6.43 -16.30
N GLU A 73 -1.13 -6.63 -17.40
CA GLU A 73 -0.34 -5.55 -17.98
C GLU A 73 -1.23 -4.37 -18.36
N LYS A 74 -2.39 -4.66 -18.96
CA LYS A 74 -3.28 -3.58 -19.39
C LYS A 74 -3.78 -2.78 -18.19
N ASP A 75 -4.14 -3.47 -17.11
CA ASP A 75 -4.67 -2.77 -15.94
C ASP A 75 -3.60 -1.94 -15.24
N ARG A 76 -2.35 -2.44 -15.21
CA ARG A 76 -1.29 -1.67 -14.55
C ARG A 76 -1.12 -0.29 -15.18
N GLN A 77 -1.48 -0.14 -16.45
CA GLN A 77 -1.32 1.16 -17.09
C GLN A 77 -2.45 2.12 -16.78
N LYS A 78 -3.52 1.66 -16.15
CA LYS A 78 -4.67 2.50 -15.87
C LYS A 78 -4.65 2.95 -14.42
N TYR A 79 -5.32 4.07 -14.18
CA TYR A 79 -5.58 4.52 -12.82
C TYR A 79 -6.62 3.59 -12.18
N PRO A 80 -6.50 3.29 -10.88
CA PRO A 80 -5.49 3.73 -9.90
C PRO A 80 -4.28 2.82 -9.82
N TYR A 81 -4.25 1.70 -10.55
CA TYR A 81 -3.10 0.80 -10.46
C TYR A 81 -1.80 1.52 -10.75
N ASN A 82 -1.81 2.50 -11.67
CA ASN A 82 -0.56 3.15 -12.03
C ASN A 82 -0.04 4.08 -10.96
N THR A 83 -0.76 4.27 -9.84
CA THR A 83 -0.22 5.05 -8.74
C THR A 83 0.57 4.19 -7.75
N ILE A 84 0.60 2.87 -7.98
CA ILE A 84 1.15 1.91 -7.03
C ILE A 84 2.57 1.58 -7.43
N GLY A 85 3.46 1.61 -6.44
CA GLY A 85 4.83 1.26 -6.67
C GLY A 85 5.40 0.41 -5.55
N ASN A 86 6.60 -0.09 -5.82
CA ASN A 86 7.40 -0.85 -4.88
C ASN A 86 8.38 0.10 -4.17
N VAL A 87 8.25 0.20 -2.85
CA VAL A 87 9.22 0.89 -2.02
C VAL A 87 10.29 -0.12 -1.64
N PHE A 88 11.51 0.13 -2.08
CA PHE A 88 12.58 -0.84 -2.02
C PHE A 88 13.68 -0.23 -1.18
N VAL A 89 13.95 -0.84 -0.04
CA VAL A 89 15.09 -0.49 0.79
C VAL A 89 16.06 -1.67 0.63
N LYS A 90 17.00 -1.54 -0.30
CA LYS A 90 17.84 -2.66 -0.70
C LYS A 90 18.42 -3.36 0.52
N GLY A 91 18.34 -4.69 0.51
CA GLY A 91 18.83 -5.49 1.62
C GLY A 91 18.02 -5.44 2.89
N GLN A 92 16.98 -4.62 2.95
CA GLN A 92 16.22 -4.45 4.19
C GLN A 92 14.76 -4.84 4.01
N THR A 93 14.04 -4.24 3.06
CA THR A 93 12.64 -4.58 2.91
C THR A 93 12.20 -4.22 1.50
N SER A 94 11.12 -4.88 1.06
CA SER A 94 10.54 -4.59 -0.25
C SER A 94 9.02 -4.54 -0.07
N ALA A 95 8.45 -3.35 -0.12
CA ALA A 95 7.04 -3.21 0.18
C ALA A 95 6.39 -2.27 -0.81
N THR A 96 5.33 -1.57 -0.38
CA THR A 96 4.47 -0.82 -1.30
C THR A 96 4.39 0.64 -0.90
N GLY A 97 4.10 1.48 -1.91
CA GLY A 97 3.77 2.87 -1.67
C GLY A 97 2.80 3.35 -2.73
N VAL A 98 2.16 4.48 -2.45
CA VAL A 98 1.20 5.12 -3.34
C VAL A 98 1.70 6.51 -3.70
N LEU A 99 1.73 6.82 -4.99
CA LEU A 99 2.04 8.18 -5.43
C LEU A 99 0.84 9.08 -5.12
N ILE A 100 1.02 10.04 -4.22
CA ILE A 100 -0.04 10.95 -3.84
C ILE A 100 0.25 12.40 -4.19
N GLY A 101 1.46 12.73 -4.61
CA GLY A 101 1.80 14.06 -5.04
C GLY A 101 2.77 14.01 -6.21
N LYS A 102 3.09 15.17 -6.72
CA LYS A 102 3.97 15.23 -7.89
C LYS A 102 5.30 14.53 -7.60
N ASN A 103 5.80 14.67 -6.36
CA ASN A 103 7.05 14.04 -5.94
C ASN A 103 6.90 13.28 -4.63
N THR A 104 5.69 12.87 -4.25
CA THR A 104 5.42 12.36 -2.91
C THR A 104 4.76 11.00 -2.96
N VAL A 105 5.36 10.04 -2.23
CA VAL A 105 4.82 8.71 -2.06
C VAL A 105 4.46 8.55 -0.60
N LEU A 106 3.27 7.96 -0.36
CA LEU A 106 2.77 7.62 0.95
C LEU A 106 3.01 6.13 1.16
N THR A 107 3.66 5.79 2.26
CA THR A 107 3.94 4.40 2.64
C THR A 107 3.78 4.31 4.15
N ASN A 108 4.21 3.17 4.72
CA ASN A 108 4.15 3.00 6.16
C ASN A 108 5.39 3.56 6.83
N ARG A 109 5.21 4.08 8.05
CA ARG A 109 6.35 4.43 8.88
C ARG A 109 7.26 3.22 9.09
N HIS A 110 6.69 2.04 9.29
CA HIS A 110 7.52 0.89 9.62
C HIS A 110 8.36 0.44 8.44
N ILE A 111 7.95 0.81 7.22
CA ILE A 111 8.75 0.56 6.03
C ILE A 111 9.86 1.59 5.92
N ALA A 112 9.50 2.87 6.07
CA ALA A 112 10.49 3.93 5.96
C ALA A 112 11.58 3.79 7.01
N LYS A 113 11.24 3.25 8.19
CA LYS A 113 12.21 3.18 9.28
C LYS A 113 13.39 2.31 8.92
N PHE A 114 13.21 1.36 8.00
CA PHE A 114 14.34 0.53 7.60
C PHE A 114 15.47 1.35 6.99
N ALA A 115 15.18 2.53 6.46
CA ALA A 115 16.19 3.37 5.85
C ALA A 115 17.01 4.17 6.85
N ASN A 116 16.61 4.20 8.13
CA ASN A 116 17.38 4.88 9.17
C ASN A 116 17.63 6.35 8.83
N GLY A 117 16.61 7.00 8.28
CA GLY A 117 16.70 8.40 7.95
C GLY A 117 17.63 8.72 6.80
N ASP A 118 18.01 7.72 6.01
CA ASP A 118 18.97 7.92 4.92
C ASP A 118 18.28 7.75 3.57
N PRO A 119 17.96 8.84 2.88
CA PRO A 119 17.23 8.71 1.61
C PRO A 119 17.94 7.87 0.57
N SER A 120 19.28 7.79 0.64
CA SER A 120 20.02 7.03 -0.35
C SER A 120 19.70 5.53 -0.28
N LYS A 121 19.11 5.07 0.82
CA LYS A 121 18.85 3.66 1.01
C LYS A 121 17.51 3.22 0.43
N VAL A 122 16.72 4.15 -0.11
CA VAL A 122 15.36 3.85 -0.53
C VAL A 122 15.16 4.27 -1.98
N SER A 123 14.49 3.40 -2.74
CA SER A 123 14.10 3.73 -4.09
CA SER A 123 14.12 3.65 -4.12
C SER A 123 12.62 3.41 -4.25
N PHE A 124 11.99 4.06 -5.21
CA PHE A 124 10.59 3.82 -5.51
C PHE A 124 10.50 3.39 -6.96
N ARG A 125 9.85 2.25 -7.20
CA ARG A 125 9.81 1.59 -8.51
C ARG A 125 8.35 1.51 -8.89
N PRO A 126 7.81 2.57 -9.49
CA PRO A 126 6.37 2.59 -9.81
C PRO A 126 6.05 1.57 -10.88
N SER A 127 5.01 0.77 -10.64
CA SER A 127 4.54 -0.19 -11.64
C SER A 127 5.63 -1.17 -12.08
N ILE A 128 6.62 -1.40 -11.22
CA ILE A 128 7.60 -2.46 -11.51
C ILE A 128 6.85 -3.76 -11.75
N ASN A 129 7.35 -4.56 -12.68
CA ASN A 129 6.87 -5.92 -12.89
C ASN A 129 8.06 -6.82 -13.19
N THR A 130 8.26 -7.82 -12.35
CA THR A 130 9.13 -8.94 -12.66
C THR A 130 8.26 -10.13 -13.03
N ASP A 131 8.38 -10.61 -14.26
CA ASP A 131 7.55 -11.73 -14.69
C ASP A 131 8.05 -13.01 -14.02
N ASP A 132 7.34 -14.11 -14.25
CA ASP A 132 7.71 -15.39 -13.65
C ASP A 132 9.05 -15.89 -14.16
N ASN A 133 9.58 -15.33 -15.25
CA ASN A 133 10.83 -15.79 -15.85
C ASN A 133 11.96 -14.79 -15.70
N GLY A 134 11.83 -13.86 -14.75
CA GLY A 134 12.93 -13.01 -14.36
C GLY A 134 13.12 -11.76 -15.18
N ASN A 135 12.17 -11.40 -16.02
CA ASN A 135 12.29 -10.16 -16.77
C ASN A 135 11.64 -9.05 -15.97
N THR A 136 12.43 -8.02 -15.62
CA THR A 136 11.96 -6.92 -14.80
C THR A 136 11.81 -5.68 -15.66
N GLU A 137 10.62 -5.10 -15.62
CA GLU A 137 10.30 -3.88 -16.35
C GLU A 137 9.97 -2.79 -15.35
N THR A 138 10.50 -1.60 -15.60
CA THR A 138 10.21 -0.39 -14.82
C THR A 138 9.79 0.66 -15.82
N PRO A 139 8.52 0.70 -16.19
CA PRO A 139 8.11 1.53 -17.33
C PRO A 139 8.34 3.01 -17.10
N TYR A 140 8.39 3.45 -15.85
CA TYR A 140 8.63 4.86 -15.53
C TYR A 140 10.01 5.07 -14.94
N GLY A 141 10.87 4.06 -14.98
CA GLY A 141 12.17 4.13 -14.33
C GLY A 141 12.09 3.83 -12.84
N GLU A 142 13.25 3.97 -12.18
CA GLU A 142 13.38 3.84 -10.73
C GLU A 142 13.68 5.23 -10.19
N TYR A 143 12.96 5.63 -9.14
CA TYR A 143 13.07 6.97 -8.60
C TYR A 143 13.88 6.98 -7.33
N GLU A 144 14.85 7.89 -7.28
CA GLU A 144 15.64 8.13 -6.08
C GLU A 144 14.80 8.97 -5.12
N VAL A 145 15.18 8.92 -3.85
CA VAL A 145 14.48 9.60 -2.77
C VAL A 145 15.33 10.76 -2.29
N LYS A 146 14.74 11.94 -2.20
CA LYS A 146 15.47 13.11 -1.73
C LYS A 146 15.27 13.34 -0.22
N GLU A 147 14.14 12.90 0.33
CA GLU A 147 13.87 13.14 1.74
C GLU A 147 12.87 12.11 2.25
N ILE A 148 13.11 11.64 3.46
CA ILE A 148 12.19 10.74 4.16
C ILE A 148 11.57 11.53 5.30
N LEU A 149 10.25 11.57 5.34
CA LEU A 149 9.52 12.10 6.49
C LEU A 149 9.00 10.87 7.20
N GLN A 150 9.72 10.41 8.24
CA GLN A 150 9.49 9.07 8.77
C GLN A 150 8.19 8.96 9.52
N GLU A 151 7.81 10.02 10.23
CA GLU A 151 6.61 9.95 11.06
C GLU A 151 5.91 11.30 11.18
N PRO A 152 5.59 11.94 10.05
CA PRO A 152 4.96 13.26 10.12
C PRO A 152 3.53 13.22 10.66
N PHE A 153 2.93 12.05 10.78
CA PHE A 153 1.61 11.91 11.37
C PHE A 153 1.68 11.46 12.83
N GLY A 154 2.87 11.30 13.39
CA GLY A 154 3.02 10.77 14.73
C GLY A 154 3.59 9.35 14.69
N ALA A 155 4.39 9.03 15.70
CA ALA A 155 5.06 7.73 15.73
C ALA A 155 4.09 6.56 15.81
N GLY A 156 2.88 6.79 16.32
CA GLY A 156 1.89 5.75 16.44
C GLY A 156 0.92 5.65 15.29
N VAL A 157 1.16 6.42 14.23
CA VAL A 157 0.40 6.37 13.00
C VAL A 157 1.37 5.83 11.96
N ASP A 158 1.07 4.65 11.45
CA ASP A 158 2.03 3.93 10.62
C ASP A 158 2.00 4.45 9.18
N LEU A 159 2.35 5.73 9.03
CA LEU A 159 2.45 6.33 7.71
C LEU A 159 3.70 7.18 7.65
N ALA A 160 4.29 7.25 6.46
CA ALA A 160 5.47 8.06 6.20
C ALA A 160 5.34 8.65 4.81
N LEU A 161 5.99 9.79 4.58
CA LEU A 161 6.05 10.40 3.27
C LEU A 161 7.48 10.27 2.75
N ILE A 162 7.63 9.81 1.51
CA ILE A 162 8.90 9.74 0.80
CA ILE A 162 8.93 9.84 0.87
C ILE A 162 8.82 10.78 -0.31
N ARG A 163 9.76 11.71 -0.34
CA ARG A 163 9.83 12.73 -1.39
C ARG A 163 10.84 12.26 -2.41
N LEU A 164 10.44 12.24 -3.67
CA LEU A 164 11.24 11.70 -4.74
C LEU A 164 12.02 12.79 -5.44
N LYS A 165 13.20 12.44 -5.93
CA LYS A 165 13.87 13.30 -6.88
C LYS A 165 13.15 13.20 -8.22
N PRO A 166 13.27 14.20 -9.08
CA PRO A 166 12.86 14.01 -10.48
C PRO A 166 13.80 13.02 -11.15
N ASP A 167 13.47 12.63 -12.38
CA ASP A 167 14.38 11.76 -13.12
C ASP A 167 15.58 12.58 -13.60
N GLN A 168 16.49 11.91 -14.33
CA GLN A 168 17.72 12.57 -14.74
C GLN A 168 17.46 13.73 -15.69
N ASN A 169 16.28 13.81 -16.27
CA ASN A 169 15.90 14.87 -17.18
C ASN A 169 15.08 15.95 -16.49
N GLY A 170 14.81 15.80 -15.21
CA GLY A 170 14.00 16.75 -14.48
C GLY A 170 12.52 16.46 -14.46
N VAL A 171 12.11 15.27 -14.90
CA VAL A 171 10.70 14.91 -14.95
C VAL A 171 10.32 14.26 -13.63
N SER A 172 9.38 14.87 -12.91
CA SER A 172 8.83 14.26 -11.71
C SER A 172 7.96 13.06 -12.06
N LEU A 173 7.89 12.09 -11.15
CA LEU A 173 7.05 10.93 -11.41
C LEU A 173 5.59 11.34 -11.60
N GLY A 174 5.13 12.32 -10.81
CA GLY A 174 3.77 12.82 -10.92
C GLY A 174 3.44 13.57 -12.21
N ASP A 175 4.43 13.93 -13.02
CA ASP A 175 4.15 14.43 -14.37
C ASP A 175 3.86 13.29 -15.33
N LYS A 176 4.49 12.13 -15.11
CA LYS A 176 4.24 10.96 -15.95
C LYS A 176 2.99 10.22 -15.54
N ILE A 177 2.67 10.22 -14.25
CA ILE A 177 1.54 9.51 -13.68
C ILE A 177 0.76 10.49 -12.83
N SER A 178 -0.54 10.57 -13.06
CA SER A 178 -1.40 11.40 -12.21
C SER A 178 -1.42 10.79 -10.82
N PRO A 179 -1.08 11.53 -9.77
CA PRO A 179 -1.13 10.96 -8.42
C PRO A 179 -2.53 10.49 -8.06
N ALA A 180 -2.59 9.60 -7.07
CA ALA A 180 -3.87 9.11 -6.58
C ALA A 180 -4.73 10.27 -6.06
N LYS A 181 -6.03 10.18 -6.36
CA LYS A 181 -6.99 11.11 -5.78
C LYS A 181 -7.19 10.75 -4.32
N ILE A 182 -7.10 11.74 -3.44
CA ILE A 182 -7.16 11.50 -2.01
C ILE A 182 -8.59 11.70 -1.54
N GLY A 183 -9.19 10.62 -1.05
CA GLY A 183 -10.52 10.63 -0.51
C GLY A 183 -10.51 10.78 0.99
N THR A 184 -11.48 10.13 1.65
CA THR A 184 -11.58 10.18 3.09
C THR A 184 -12.04 8.82 3.61
N SER A 185 -11.66 8.51 4.84
CA SER A 185 -12.14 7.33 5.53
C SER A 185 -13.38 7.61 6.39
N ASN A 186 -13.82 8.87 6.45
CA ASN A 186 -14.85 9.26 7.41
C ASN A 186 -16.20 8.60 7.12
N ASP A 187 -16.48 8.31 5.87
CA ASP A 187 -17.76 7.73 5.49
C ASP A 187 -17.75 6.21 5.45
N LEU A 188 -16.59 5.58 5.63
CA LEU A 188 -16.53 4.13 5.58
C LEU A 188 -17.35 3.54 6.71
N LYS A 189 -17.88 2.34 6.47
CA LYS A 189 -18.71 1.67 7.46
C LYS A 189 -18.41 0.18 7.45
N ASP A 190 -18.65 -0.45 8.61
CA ASP A 190 -18.49 -1.88 8.77
C ASP A 190 -19.13 -2.63 7.62
N GLY A 191 -18.43 -3.63 7.11
CA GLY A 191 -18.91 -4.45 6.02
C GLY A 191 -18.59 -3.95 4.64
N ASP A 192 -18.11 -2.71 4.50
CA ASP A 192 -17.81 -2.16 3.20
C ASP A 192 -16.73 -2.98 2.48
N LYS A 193 -16.85 -3.06 1.16
CA LYS A 193 -15.89 -3.75 0.31
C LYS A 193 -14.96 -2.74 -0.34
N LEU A 194 -13.67 -3.00 -0.29
CA LEU A 194 -12.69 -2.09 -0.88
C LEU A 194 -11.64 -2.91 -1.59
N GLU A 195 -10.81 -2.22 -2.37
CA GLU A 195 -9.74 -2.86 -3.11
C GLU A 195 -8.41 -2.40 -2.56
N LEU A 196 -7.58 -3.37 -2.18
CA LEU A 196 -6.23 -3.11 -1.69
C LEU A 196 -5.26 -3.51 -2.80
N ILE A 197 -4.35 -2.60 -3.15
CA ILE A 197 -3.50 -2.79 -4.33
C ILE A 197 -2.06 -2.60 -3.90
N GLY A 198 -1.22 -3.59 -4.16
CA GLY A 198 0.17 -3.49 -3.76
C GLY A 198 0.97 -4.67 -4.22
N TYR A 199 2.13 -4.81 -3.58
CA TYR A 199 3.19 -5.72 -4.02
C TYR A 199 3.39 -6.80 -2.96
N PRO A 200 2.70 -7.94 -3.09
CA PRO A 200 2.79 -9.02 -2.08
C PRO A 200 4.06 -9.84 -2.27
N PHE A 201 5.19 -9.21 -1.88
CA PHE A 201 6.51 -9.75 -2.15
C PHE A 201 6.65 -11.23 -1.78
N GLU A 202 6.16 -11.60 -0.59
CA GLU A 202 6.34 -12.96 -0.07
C GLU A 202 5.56 -13.98 -0.87
N HIS A 203 4.54 -13.55 -1.61
CA HIS A 203 3.81 -14.41 -2.53
C HIS A 203 4.50 -14.43 -3.89
N LYS A 204 4.70 -13.26 -4.51
CA LYS A 204 5.38 -13.13 -5.78
C LYS A 204 6.21 -11.85 -5.75
N VAL A 205 7.44 -11.91 -6.24
CA VAL A 205 8.32 -10.75 -6.19
C VAL A 205 7.98 -9.79 -7.31
N ASN A 206 7.79 -8.51 -6.96
CA ASN A 206 7.55 -7.43 -7.93
C ASN A 206 6.42 -7.75 -8.88
N GLN A 207 5.31 -8.23 -8.33
CA GLN A 207 4.08 -8.44 -9.10
C GLN A 207 2.92 -7.78 -8.38
N MET A 208 2.41 -6.71 -8.98
CA MET A 208 1.27 -6.02 -8.40
C MET A 208 0.07 -6.95 -8.32
N HIS A 209 -0.56 -6.99 -7.14
CA HIS A 209 -1.79 -7.76 -6.98
C HIS A 209 -2.85 -6.89 -6.32
N ARG A 210 -4.10 -7.27 -6.55
CA ARG A 210 -5.23 -6.64 -5.90
C ARG A 210 -5.86 -7.66 -4.94
N SER A 211 -6.33 -7.16 -3.81
CA SER A 211 -6.98 -7.96 -2.78
C SER A 211 -8.29 -7.25 -2.43
N GLU A 212 -9.40 -7.97 -2.49
CA GLU A 212 -10.64 -7.42 -1.99
C GLU A 212 -10.64 -7.51 -0.48
N ILE A 213 -10.92 -6.40 0.18
CA ILE A 213 -10.98 -6.37 1.64
C ILE A 213 -12.39 -6.04 2.07
N GLU A 214 -12.75 -6.49 3.27
CA GLU A 214 -14.06 -6.25 3.87
C GLU A 214 -13.84 -5.61 5.23
N LEU A 215 -14.31 -4.38 5.38
CA LEU A 215 -14.12 -3.64 6.62
C LEU A 215 -14.88 -4.30 7.77
N THR A 216 -14.34 -4.14 8.98
CA THR A 216 -14.95 -4.68 10.20
C THR A 216 -14.53 -3.83 11.39
N THR A 217 -15.42 -3.72 12.36
CA THR A 217 -15.16 -3.09 13.66
C THR A 217 -14.32 -1.82 13.53
N LEU A 218 -14.89 -0.83 12.84
CA LEU A 218 -14.16 0.42 12.61
C LEU A 218 -14.05 1.31 13.84
N SER A 219 -14.73 0.97 14.94
CA SER A 219 -14.65 1.79 16.13
C SER A 219 -13.21 1.97 16.61
N ARG A 220 -12.31 1.10 16.20
CA ARG A 220 -10.91 1.12 16.65
C ARG A 220 -9.98 1.03 15.45
N GLY A 221 -10.17 1.93 14.49
CA GLY A 221 -9.31 2.02 13.33
C GLY A 221 -9.83 1.20 12.16
N LEU A 222 -9.10 1.31 11.06
CA LEU A 222 -9.46 0.62 9.82
C LEU A 222 -9.02 -0.84 9.93
N ARG A 223 -9.99 -1.73 10.10
CA ARG A 223 -9.72 -3.17 10.20
C ARG A 223 -10.53 -3.91 9.15
N TYR A 224 -9.98 -4.99 8.62
CA TYR A 224 -10.64 -5.66 7.52
C TYR A 224 -10.13 -7.08 7.33
N TYR A 225 -11.02 -7.93 6.82
CA TYR A 225 -10.65 -9.22 6.25
C TYR A 225 -10.05 -8.99 4.86
N GLY A 226 -9.07 -9.82 4.53
CA GLY A 226 -8.42 -9.78 3.24
C GLY A 226 -7.09 -10.50 3.29
N PHE A 227 -6.65 -10.95 2.11
CA PHE A 227 -5.37 -11.62 2.01
C PHE A 227 -4.27 -10.58 1.81
N THR A 228 -3.26 -10.61 2.69
CA THR A 228 -2.10 -9.74 2.58
C THR A 228 -0.89 -10.51 3.08
N VAL A 229 0.29 -10.06 2.66
CA VAL A 229 1.57 -10.52 3.18
C VAL A 229 2.34 -9.27 3.60
N PRO A 230 3.48 -9.43 4.29
CA PRO A 230 4.24 -8.23 4.72
C PRO A 230 4.54 -7.25 3.61
N GLY A 231 4.79 -7.71 2.39
CA GLY A 231 5.12 -6.77 1.32
C GLY A 231 3.99 -5.83 0.97
N ASN A 232 2.75 -6.22 1.32
CA ASN A 232 1.61 -5.34 1.12
C ASN A 232 1.64 -4.10 2.01
N SER A 233 2.52 -4.07 3.02
CA SER A 233 2.70 -2.84 3.79
C SER A 233 2.78 -1.67 2.83
N GLY A 234 1.95 -0.65 3.05
CA GLY A 234 1.91 0.53 2.20
C GLY A 234 0.97 0.45 1.01
N SER A 235 0.19 -0.62 0.87
CA SER A 235 -0.74 -0.76 -0.23
C SER A 235 -1.83 0.31 -0.14
N GLY A 236 -2.23 0.79 -1.31
CA GLY A 236 -3.32 1.73 -1.36
C GLY A 236 -4.65 0.99 -1.24
N ILE A 237 -5.56 1.60 -0.48
CA ILE A 237 -6.92 1.09 -0.32
C ILE A 237 -7.83 2.09 -1.03
N PHE A 238 -8.52 1.62 -2.07
CA PHE A 238 -9.30 2.47 -2.94
C PHE A 238 -10.78 2.08 -2.89
N ASN A 239 -11.65 3.09 -2.97
CA ASN A 239 -13.08 2.85 -3.07
C ASN A 239 -13.48 2.68 -4.54
N SER A 240 -14.77 2.45 -4.79
CA SER A 240 -15.20 2.19 -6.17
C SER A 240 -14.98 3.40 -7.07
N ASN A 241 -14.93 4.60 -6.50
CA ASN A 241 -14.68 5.81 -7.28
C ASN A 241 -13.18 6.05 -7.52
N GLY A 242 -12.33 5.09 -7.19
CA GLY A 242 -10.89 5.25 -7.37
C GLY A 242 -10.22 6.21 -6.41
N GLU A 243 -10.90 6.58 -5.31
CA GLU A 243 -10.31 7.48 -4.33
C GLU A 243 -9.49 6.69 -3.32
N LEU A 244 -8.34 7.21 -2.97
CA LEU A 244 -7.52 6.59 -1.94
C LEU A 244 -8.16 6.92 -0.59
N VAL A 245 -8.55 5.89 0.16
CA VAL A 245 -9.17 6.09 1.46
C VAL A 245 -8.37 5.49 2.61
N GLY A 246 -7.29 4.77 2.33
CA GLY A 246 -6.51 4.20 3.40
C GLY A 246 -5.23 3.61 2.85
N ILE A 247 -4.34 3.25 3.76
CA ILE A 247 -3.07 2.61 3.46
C ILE A 247 -2.96 1.39 4.37
N HIS A 248 -2.70 0.24 3.76
CA HIS A 248 -2.53 -0.97 4.55
C HIS A 248 -1.28 -0.89 5.41
N SER A 249 -1.38 -1.41 6.64
CA SER A 249 -0.23 -1.40 7.54
C SER A 249 0.24 -2.82 7.86
N SER A 250 -0.57 -3.60 8.55
CA SER A 250 -0.09 -4.87 9.07
C SER A 250 -1.27 -5.63 9.66
N LYS A 251 -0.97 -6.78 10.25
CA LYS A 251 -1.94 -7.55 10.98
C LYS A 251 -1.77 -7.27 12.46
N VAL A 252 -2.90 -7.21 13.17
CA VAL A 252 -2.92 -6.91 14.60
C VAL A 252 -3.85 -7.90 15.27
N SER A 253 -3.69 -8.04 16.60
CA SER A 253 -4.59 -8.93 17.33
C SER A 253 -6.03 -8.44 17.19
N HIS A 254 -6.97 -9.37 17.28
CA HIS A 254 -8.38 -9.07 17.00
C HIS A 254 -9.25 -10.00 17.83
N LEU A 255 -10.25 -9.42 18.51
CA LEU A 255 -11.22 -10.13 19.35
C LEU A 255 -10.59 -10.70 20.61
N ASP A 256 -9.57 -11.55 20.48
CA ASP A 256 -8.79 -12.01 21.62
C ASP A 256 -7.33 -12.01 21.23
N ARG A 257 -6.47 -12.40 22.19
CA ARG A 257 -5.03 -12.29 21.99
C ARG A 257 -4.49 -13.36 21.06
N GLU A 258 -5.30 -14.34 20.69
CA GLU A 258 -4.86 -15.45 19.85
C GLU A 258 -5.37 -15.37 18.42
N HIS A 259 -6.04 -14.28 18.05
CA HIS A 259 -6.57 -14.10 16.70
C HIS A 259 -6.15 -12.74 16.17
N GLN A 260 -6.32 -12.54 14.86
CA GLN A 260 -5.79 -11.35 14.22
C GLN A 260 -6.66 -10.94 13.04
N ILE A 261 -6.39 -9.71 12.57
CA ILE A 261 -7.11 -9.07 11.48
C ILE A 261 -6.11 -8.12 10.81
N ASN A 262 -6.42 -7.71 9.58
CA ASN A 262 -5.63 -6.69 8.92
C ASN A 262 -5.97 -5.31 9.47
N TYR A 263 -4.97 -4.45 9.56
CA TYR A 263 -5.14 -3.07 9.98
C TYR A 263 -4.51 -2.13 8.98
N GLY A 264 -5.23 -1.04 8.68
CA GLY A 264 -4.69 0.01 7.85
C GLY A 264 -4.91 1.36 8.52
N VAL A 265 -4.35 2.39 7.89
CA VAL A 265 -4.51 3.76 8.37
C VAL A 265 -5.44 4.45 7.38
N GLY A 266 -6.61 4.88 7.88
CA GLY A 266 -7.56 5.60 7.05
C GLY A 266 -7.12 7.03 6.82
N ILE A 267 -7.53 7.57 5.67
CA ILE A 267 -7.28 8.98 5.38
C ILE A 267 -8.35 9.77 6.13
N GLY A 268 -8.18 9.89 7.45
CA GLY A 268 -9.09 10.63 8.28
C GLY A 268 -8.80 12.12 8.23
N ASN A 269 -9.46 12.84 9.13
CA ASN A 269 -9.29 14.30 9.14
C ASN A 269 -7.85 14.65 9.43
N TYR A 270 -7.21 13.98 10.39
CA TYR A 270 -5.85 14.31 10.77
C TYR A 270 -4.87 13.98 9.64
N VAL A 271 -4.96 12.76 9.12
CA VAL A 271 -4.04 12.34 8.06
C VAL A 271 -4.18 13.26 6.85
N LYS A 272 -5.43 13.59 6.49
CA LYS A 272 -5.66 14.49 5.35
C LYS A 272 -5.02 15.86 5.58
N ARG A 273 -5.19 16.42 6.78
CA ARG A 273 -4.58 17.71 7.09
C ARG A 273 -3.07 17.67 6.87
N ILE A 274 -2.40 16.65 7.39
CA ILE A 274 -0.95 16.59 7.26
C ILE A 274 -0.54 16.38 5.80
N ILE A 275 -1.30 15.57 5.07
CA ILE A 275 -0.99 15.36 3.66
C ILE A 275 -1.05 16.68 2.92
N ASN A 276 -2.12 17.44 3.14
CA ASN A 276 -2.26 18.74 2.49
C ASN A 276 -1.12 19.68 2.87
N GLU A 277 -0.67 19.63 4.13
CA GLU A 277 0.44 20.48 4.54
C GLU A 277 1.74 20.07 3.87
N LYS A 278 2.00 18.76 3.75
CA LYS A 278 3.33 18.27 3.43
C LYS A 278 3.47 17.80 1.98
N ASN A 279 2.36 17.61 1.27
CA ASN A 279 2.43 17.08 -0.08
C ASN A 279 3.18 18.04 -1.00
N GLU A 280 3.88 17.47 -1.97
CA GLU A 280 4.60 18.26 -2.97
C GLU A 280 5.05 17.39 -4.13
#